data_3MN3
#
_entry.id   3MN3
#
_cell.length_a   76.981
_cell.length_b   76.981
_cell.length_c   286.215
_cell.angle_alpha   90.000
_cell.angle_beta   90.000
_cell.angle_gamma   90.000
#
_symmetry.space_group_name_H-M   'I 41 2 2'
#
loop_
_entity.id
_entity.type
_entity.pdbx_description
1 polymer 'Carbon catabolite-derepressing protein kinase'
2 water water
#
_entity_poly.entity_id   1
_entity_poly.type   'polypeptide(L)'
_entity_poly.pdbx_seq_one_letter_code
;AHIGNYQIVKTLGEGSFGKVKLAYHTTTGQKVALKIINKKVLAKSDMQGRIEREISYLRLLRHPHIIKLYDVIKSKDEII
MVIEYAGNELFDYIVQRDKMSEQEARRFFQQIISAVEYCHRHKIVHRDLKPENLLLDEHLNVKIADFGLSNIMTDGNFLK
TSCGSPNYAAPEVISGKLYAGPEVDVWSCGVILYVMLCRRLPFDDESIPVLFKNISNGVYTLPKFLSPGAAGLIKRMLIV
NPLNRISIHEIMQDDWFKVDLPEYLLPPDLK
;
_entity_poly.pdbx_strand_id   A
#
# COMPACT_ATOMS: atom_id res chain seq x y z
N ALA A 1 -19.28 -0.92 25.02
CA ALA A 1 -20.03 -0.13 24.00
C ALA A 1 -19.54 1.32 23.91
N HIS A 2 -18.99 1.85 25.00
CA HIS A 2 -18.43 3.22 25.00
C HIS A 2 -16.97 3.27 25.44
N ILE A 3 -16.22 4.12 24.74
CA ILE A 3 -14.83 4.43 25.08
C ILE A 3 -14.59 5.87 24.67
N GLY A 4 -14.21 6.73 25.63
CA GLY A 4 -14.08 8.15 25.37
C GLY A 4 -15.32 8.64 24.65
N ASN A 5 -15.11 9.30 23.51
CA ASN A 5 -16.21 9.82 22.69
C ASN A 5 -16.71 8.88 21.60
N TYR A 6 -16.67 7.56 21.84
CA TYR A 6 -16.94 6.59 20.78
C TYR A 6 -17.84 5.44 21.21
N GLN A 7 -18.67 5.00 20.26
CA GLN A 7 -19.69 3.99 20.45
C GLN A 7 -19.36 2.81 19.52
N ILE A 8 -19.10 1.64 20.11
CA ILE A 8 -18.63 0.48 19.36
C ILE A 8 -19.75 -0.18 18.54
N VAL A 9 -19.41 -0.53 17.30
CA VAL A 9 -20.37 -1.09 16.34
C VAL A 9 -20.10 -2.58 16.06
N LYS A 10 -18.93 -2.88 15.49
CA LYS A 10 -18.58 -4.25 15.11
C LYS A 10 -17.06 -4.39 14.96
N THR A 11 -16.61 -5.63 14.83
CA THR A 11 -15.18 -5.92 14.65
C THR A 11 -14.86 -6.16 13.17
N LEU A 12 -13.71 -5.66 12.74
CA LEU A 12 -13.15 -5.97 11.43
C LEU A 12 -11.63 -6.00 11.49
N GLY A 13 -10.99 -6.38 10.39
CA GLY A 13 -9.53 -6.32 10.31
C GLY A 13 -9.13 -5.12 9.48
N GLU A 14 -8.02 -4.47 9.86
CA GLU A 14 -7.43 -3.39 9.05
C GLU A 14 -5.93 -3.58 8.81
N GLY A 15 -5.60 -4.44 7.84
CA GLY A 15 -4.21 -4.72 7.49
C GLY A 15 -3.37 -4.99 8.71
N SER A 16 -2.21 -4.32 8.79
CA SER A 16 -1.22 -4.56 9.85
C SER A 16 -1.67 -4.16 11.27
N PHE A 17 -2.82 -3.50 11.38
CA PHE A 17 -3.46 -3.21 12.67
C PHE A 17 -4.24 -4.40 13.24
N GLY A 18 -4.46 -5.44 12.43
CA GLY A 18 -5.24 -6.63 12.82
C GLY A 18 -6.70 -6.32 13.16
N LYS A 19 -7.24 -7.07 14.12
CA LYS A 19 -8.61 -6.86 14.60
C LYS A 19 -8.81 -5.49 15.27
N VAL A 20 -9.71 -4.70 14.69
CA VAL A 20 -10.08 -3.40 15.21
C VAL A 20 -11.61 -3.33 15.39
N LYS A 21 -12.08 -2.34 16.13
CA LYS A 21 -13.51 -2.15 16.27
C LYS A 21 -13.95 -0.85 15.61
N LEU A 22 -14.90 -0.96 14.66
CA LEU A 22 -15.56 0.20 14.07
C LEU A 22 -16.37 0.89 15.16
N ALA A 23 -16.19 2.21 15.28
CA ALA A 23 -16.90 3.00 16.26
C ALA A 23 -17.33 4.33 15.65
N TYR A 24 -18.43 4.86 16.18
CA TYR A 24 -18.96 6.16 15.77
C TYR A 24 -18.66 7.18 16.84
N HIS A 25 -18.09 8.31 16.44
CA HIS A 25 -18.00 9.45 17.34
C HIS A 25 -19.39 9.84 17.83
N THR A 26 -19.46 10.12 19.11
CA THR A 26 -20.68 10.19 19.86
C THR A 26 -21.39 11.58 19.73
N THR A 27 -20.67 12.50 19.09
CA THR A 27 -21.18 13.84 18.79
C THR A 27 -21.24 14.10 17.27
N THR A 28 -20.17 13.78 16.54
CA THR A 28 -20.07 14.08 15.11
C THR A 28 -20.55 12.95 14.20
N GLY A 29 -20.63 11.74 14.78
CA GLY A 29 -20.95 10.54 14.01
C GLY A 29 -19.84 10.06 13.10
N GLN A 30 -18.63 10.60 13.25
CA GLN A 30 -17.54 10.16 12.42
C GLN A 30 -17.16 8.71 12.72
N LYS A 31 -16.98 7.93 11.65
CA LYS A 31 -16.46 6.56 11.74
C LYS A 31 -14.96 6.55 12.04
N VAL A 32 -14.58 5.61 12.89
CA VAL A 32 -13.25 5.55 13.45
C VAL A 32 -12.95 4.07 13.71
N ALA A 33 -11.69 3.68 13.70
CA ALA A 33 -11.34 2.34 14.17
C ALA A 33 -10.58 2.47 15.49
N LEU A 34 -10.93 1.60 16.43
CA LEU A 34 -10.25 1.52 17.73
C LEU A 34 -9.39 0.25 17.77
N LYS A 35 -8.08 0.46 17.88
CA LYS A 35 -7.15 -0.64 18.10
C LYS A 35 -6.86 -0.71 19.59
N ILE A 36 -7.37 -1.76 20.24
CA ILE A 36 -7.21 -1.95 21.69
C ILE A 36 -6.04 -2.89 22.02
N ILE A 37 -5.06 -2.37 22.76
CA ILE A 37 -3.96 -3.18 23.29
C ILE A 37 -4.14 -3.35 24.80
N ASN A 38 -4.22 -4.60 25.26
CA ASN A 38 -4.18 -4.91 26.70
C ASN A 38 -2.94 -5.70 27.07
N ILE A 51 5.44 -0.39 21.96
CA ILE A 51 4.14 0.24 21.74
C ILE A 51 4.27 1.77 21.81
N GLU A 52 4.93 2.27 22.85
CA GLU A 52 5.24 3.70 22.98
C GLU A 52 5.95 4.21 21.73
N ARG A 53 7.02 3.51 21.35
CA ARG A 53 7.85 3.86 20.20
C ARG A 53 7.08 3.74 18.88
N GLU A 54 6.33 2.66 18.72
CA GLU A 54 5.53 2.43 17.51
C GLU A 54 4.45 3.48 17.30
N ILE A 55 3.89 4.00 18.40
CA ILE A 55 2.93 5.10 18.34
C ILE A 55 3.58 6.40 17.84
N SER A 56 4.76 6.72 18.37
CA SER A 56 5.48 7.93 17.98
C SER A 56 5.80 7.95 16.49
N TYR A 57 6.19 6.79 15.96
CA TYR A 57 6.52 6.64 14.55
C TYR A 57 5.29 6.77 13.65
N LEU A 58 4.15 6.30 14.15
CA LEU A 58 2.87 6.39 13.43
C LEU A 58 2.33 7.83 13.43
N ARG A 59 2.52 8.54 14.55
CA ARG A 59 2.18 9.97 14.67
C ARG A 59 2.84 10.84 13.61
N LEU A 60 4.00 10.39 13.13
CA LEU A 60 4.74 11.06 12.06
C LEU A 60 4.11 10.94 10.67
N LEU A 61 3.22 9.95 10.48
CA LEU A 61 2.67 9.63 9.16
C LEU A 61 1.44 10.46 8.82
N ARG A 62 1.67 11.55 8.08
CA ARG A 62 0.59 12.47 7.72
C ARG A 62 0.49 12.70 6.22
N HIS A 63 -0.13 11.73 5.55
CA HIS A 63 -0.35 11.74 4.12
C HIS A 63 -1.80 11.32 3.89
N PRO A 64 -2.48 11.91 2.89
CA PRO A 64 -3.87 11.54 2.63
C PRO A 64 -4.14 10.06 2.29
N HIS A 65 -3.12 9.27 1.99
CA HIS A 65 -3.31 7.87 1.60
C HIS A 65 -2.53 6.86 2.46
N ILE A 66 -2.19 7.29 3.67
CA ILE A 66 -1.63 6.44 4.71
C ILE A 66 -2.56 6.56 5.91
N ILE A 67 -2.98 5.43 6.47
CA ILE A 67 -3.83 5.37 7.67
C ILE A 67 -3.27 6.28 8.78
N LYS A 68 -4.14 7.16 9.26
CA LYS A 68 -3.78 8.20 10.23
C LYS A 68 -4.17 7.80 11.66
N LEU A 69 -3.32 8.16 12.61
CA LEU A 69 -3.65 8.12 14.03
C LEU A 69 -4.34 9.42 14.48
N TYR A 70 -5.56 9.31 15.01
CA TYR A 70 -6.31 10.48 15.49
C TYR A 70 -5.97 10.82 16.94
N ASP A 71 -5.93 9.79 17.79
CA ASP A 71 -5.75 9.96 19.23
C ASP A 71 -5.33 8.65 19.89
N VAL A 72 -4.77 8.76 21.10
CA VAL A 72 -4.46 7.61 21.95
C VAL A 72 -5.12 7.80 23.33
N ILE A 73 -5.94 6.83 23.74
CA ILE A 73 -6.60 6.85 25.05
C ILE A 73 -6.01 5.78 25.99
N LYS A 74 -5.71 6.19 27.22
CA LYS A 74 -5.19 5.28 28.27
C LYS A 74 -6.32 4.85 29.20
N SER A 75 -6.67 3.57 29.16
CA SER A 75 -7.73 3.02 29.98
C SER A 75 -7.19 2.50 31.32
N LYS A 76 -5.95 2.89 31.64
CA LYS A 76 -5.27 2.47 32.88
C LYS A 76 -5.44 0.96 33.14
N ASP A 77 -5.35 0.20 32.06
CA ASP A 77 -5.72 -1.22 31.97
C ASP A 77 -5.46 -1.64 30.51
N GLU A 78 -5.81 -0.74 29.59
CA GLU A 78 -5.54 -0.93 28.16
C GLU A 78 -5.16 0.38 27.46
N ILE A 79 -4.42 0.27 26.37
CA ILE A 79 -4.17 1.43 25.50
C ILE A 79 -5.03 1.29 24.25
N ILE A 80 -5.81 2.32 23.96
CA ILE A 80 -6.65 2.33 22.77
C ILE A 80 -6.18 3.38 21.78
N MET A 81 -5.78 2.90 20.60
CA MET A 81 -5.43 3.75 19.47
C MET A 81 -6.67 4.06 18.61
N VAL A 82 -6.89 5.34 18.38
CA VAL A 82 -7.99 5.79 17.57
C VAL A 82 -7.44 6.14 16.18
N ILE A 83 -7.67 5.24 15.23
CA ILE A 83 -7.08 5.34 13.89
C ILE A 83 -8.16 5.49 12.82
N GLU A 84 -7.73 5.87 11.62
CA GLU A 84 -8.60 6.06 10.46
C GLU A 84 -9.32 4.77 10.10
N TYR A 85 -10.60 4.89 9.78
CA TYR A 85 -11.40 3.73 9.36
C TYR A 85 -11.37 3.46 7.83
N ALA A 86 -11.10 2.22 7.46
CA ALA A 86 -11.13 1.77 6.07
C ALA A 86 -11.55 0.30 6.09
N GLY A 87 -12.77 0.03 5.65
CA GLY A 87 -13.36 -1.27 5.90
C GLY A 87 -13.22 -2.25 4.76
N ASN A 88 -12.53 -1.83 3.69
CA ASN A 88 -12.33 -2.71 2.56
C ASN A 88 -10.87 -2.84 2.18
N GLU A 89 -10.55 -3.88 1.42
CA GLU A 89 -9.22 -4.09 0.93
C GLU A 89 -9.26 -3.80 -0.56
N LEU A 90 -8.19 -3.22 -1.09
CA LEU A 90 -8.13 -2.83 -2.50
C LEU A 90 -8.26 -4.01 -3.45
N PHE A 91 -7.57 -5.11 -3.16
CA PHE A 91 -7.60 -6.26 -4.06
C PHE A 91 -8.94 -6.97 -4.08
N ASP A 92 -9.64 -6.98 -2.93
CA ASP A 92 -11.04 -7.42 -2.84
C ASP A 92 -11.91 -6.63 -3.81
N TYR A 93 -11.83 -5.29 -3.72
CA TYR A 93 -12.60 -4.40 -4.59
C TYR A 93 -12.33 -4.64 -6.07
N ILE A 94 -11.06 -4.83 -6.40
CA ILE A 94 -10.59 -5.19 -7.75
C ILE A 94 -11.16 -6.54 -8.23
N VAL A 95 -11.15 -7.54 -7.35
CA VAL A 95 -11.66 -8.88 -7.64
C VAL A 95 -13.19 -8.94 -7.75
N GLN A 96 -13.88 -8.27 -6.82
CA GLN A 96 -15.34 -8.31 -6.74
C GLN A 96 -16.01 -7.50 -7.84
N ARG A 97 -15.21 -7.06 -8.80
CA ARG A 97 -15.70 -6.34 -9.96
C ARG A 97 -15.12 -6.97 -11.21
N ASP A 98 -15.66 -6.61 -12.37
CA ASP A 98 -15.07 -7.00 -13.65
C ASP A 98 -13.81 -6.17 -13.89
N LYS A 99 -13.12 -6.44 -15.00
CA LYS A 99 -11.92 -5.68 -15.37
C LYS A 99 -12.22 -4.19 -15.32
N MET A 100 -11.44 -3.47 -14.52
CA MET A 100 -11.66 -2.03 -14.34
C MET A 100 -10.92 -1.23 -15.39
N SER A 101 -11.42 -0.04 -15.69
CA SER A 101 -10.84 0.83 -16.70
C SER A 101 -9.42 1.25 -16.32
N GLU A 102 -8.62 1.58 -17.33
CA GLU A 102 -7.28 2.13 -17.13
C GLU A 102 -7.30 3.38 -16.24
N GLN A 103 -8.34 4.21 -16.41
CA GLN A 103 -8.50 5.41 -15.60
C GLN A 103 -8.81 5.17 -14.12
N GLU A 104 -9.54 4.11 -13.80
CA GLU A 104 -9.77 3.70 -12.41
C GLU A 104 -8.51 3.18 -11.77
N ALA A 105 -7.80 2.31 -12.47
CA ALA A 105 -6.51 1.80 -12.00
C ALA A 105 -5.49 2.93 -11.78
N ARG A 106 -5.37 3.84 -12.75
CA ARG A 106 -4.44 4.96 -12.61
C ARG A 106 -4.78 5.82 -11.39
N ARG A 107 -6.07 6.08 -11.19
CA ARG A 107 -6.54 6.83 -10.02
C ARG A 107 -5.99 6.26 -8.70
N PHE A 108 -6.15 4.95 -8.50
CA PHE A 108 -5.60 4.23 -7.35
C PHE A 108 -4.07 4.27 -7.36
N PHE A 109 -3.46 4.04 -8.52
CA PHE A 109 -2.00 4.02 -8.65
C PHE A 109 -1.35 5.35 -8.28
N GLN A 110 -2.01 6.46 -8.63
CA GLN A 110 -1.50 7.80 -8.31
C GLN A 110 -1.43 8.02 -6.80
N GLN A 111 -2.44 7.54 -6.09
CA GLN A 111 -2.53 7.67 -4.64
C GLN A 111 -1.42 6.89 -3.92
N ILE A 112 -1.19 5.67 -4.39
CA ILE A 112 -0.15 4.77 -3.90
C ILE A 112 1.25 5.35 -4.11
N ILE A 113 1.53 5.78 -5.34
CA ILE A 113 2.84 6.37 -5.68
C ILE A 113 3.16 7.62 -4.85
N SER A 114 2.15 8.45 -4.61
CA SER A 114 2.29 9.64 -3.76
C SER A 114 2.62 9.26 -2.31
N ALA A 115 1.96 8.23 -1.79
CA ALA A 115 2.22 7.78 -0.42
C ALA A 115 3.63 7.22 -0.32
N VAL A 116 4.07 6.49 -1.35
CA VAL A 116 5.45 5.98 -1.43
C VAL A 116 6.48 7.12 -1.50
N GLU A 117 6.23 8.11 -2.35
CA GLU A 117 7.11 9.27 -2.48
C GLU A 117 7.25 10.03 -1.16
N TYR A 118 6.12 10.26 -0.49
CA TYR A 118 6.11 10.83 0.85
C TYR A 118 7.01 10.06 1.84
N CYS A 119 6.85 8.74 1.90
CA CYS A 119 7.70 7.90 2.73
C CYS A 119 9.20 8.07 2.45
N HIS A 120 9.59 8.18 1.18
CA HIS A 120 11.00 8.40 0.81
C HIS A 120 11.56 9.75 1.28
N ARG A 121 10.82 10.85 1.06
CA ARG A 121 11.29 12.21 1.41
C ARG A 121 11.53 12.43 2.89
N HIS A 122 10.62 11.92 3.72
CA HIS A 122 10.83 11.85 5.16
C HIS A 122 11.66 10.60 5.42
N LYS A 123 12.30 10.50 6.57
CA LYS A 123 13.22 9.38 6.74
C LYS A 123 12.53 8.21 7.43
N ILE A 124 11.65 7.55 6.69
CA ILE A 124 10.76 6.55 7.26
C ILE A 124 11.24 5.13 6.96
N VAL A 125 11.53 4.38 8.03
CA VAL A 125 12.00 2.99 7.95
C VAL A 125 11.15 2.21 6.95
N HIS A 126 11.83 1.64 5.96
CA HIS A 126 11.17 0.99 4.84
C HIS A 126 10.36 -0.23 5.30
N ARG A 127 9.12 -0.30 4.83
CA ARG A 127 8.27 -1.46 5.03
C ARG A 127 7.90 -2.04 3.69
N ASP A 128 8.18 -3.32 3.49
CA ASP A 128 7.75 -3.99 2.28
C ASP A 128 6.23 -3.83 2.13
N LEU A 129 5.83 -3.21 1.01
CA LEU A 129 4.42 -3.07 0.69
C LEU A 129 3.79 -4.45 0.56
N LYS A 130 2.78 -4.71 1.39
CA LYS A 130 2.01 -5.95 1.30
C LYS A 130 0.61 -5.66 0.73
N PRO A 131 0.15 -6.52 -0.20
CA PRO A 131 -1.19 -6.42 -0.77
C PRO A 131 -2.29 -6.18 0.29
N GLU A 132 -2.18 -6.85 1.45
CA GLU A 132 -3.20 -6.76 2.52
C GLU A 132 -3.17 -5.44 3.30
N ASN A 133 -2.14 -4.62 3.06
CA ASN A 133 -2.02 -3.31 3.72
C ASN A 133 -2.58 -2.17 2.89
N LEU A 134 -3.01 -2.51 1.69
CA LEU A 134 -3.65 -1.60 0.77
C LEU A 134 -5.17 -1.62 1.00
N LEU A 135 -5.63 -0.73 1.88
CA LEU A 135 -7.05 -0.69 2.22
C LEU A 135 -7.76 0.36 1.40
N LEU A 136 -9.09 0.32 1.43
CA LEU A 136 -9.92 1.32 0.75
C LEU A 136 -10.96 1.83 1.73
N ASP A 137 -11.12 3.15 1.78
CA ASP A 137 -12.20 3.73 2.56
C ASP A 137 -13.44 3.98 1.70
N GLU A 138 -14.44 4.60 2.31
CA GLU A 138 -15.72 4.87 1.69
C GLU A 138 -15.70 5.92 0.56
N HIS A 139 -14.67 6.77 0.52
CA HIS A 139 -14.46 7.69 -0.62
C HIS A 139 -13.81 7.01 -1.83
N LEU A 140 -13.62 5.70 -1.73
CA LEU A 140 -12.79 4.89 -2.63
C LEU A 140 -11.37 5.42 -2.76
N ASN A 141 -10.84 5.88 -1.62
CA ASN A 141 -9.46 6.30 -1.51
C ASN A 141 -8.62 5.21 -0.88
N VAL A 142 -7.46 4.95 -1.49
CA VAL A 142 -6.47 4.04 -0.94
C VAL A 142 -6.00 4.58 0.41
N LYS A 143 -5.92 3.67 1.39
CA LYS A 143 -5.36 3.99 2.69
C LYS A 143 -4.37 2.89 3.04
N ILE A 144 -3.08 3.24 3.07
CA ILE A 144 -2.04 2.26 3.36
C ILE A 144 -1.86 2.12 4.88
N ALA A 145 -2.08 0.90 5.38
CA ALA A 145 -1.84 0.56 6.77
C ALA A 145 -0.35 0.30 6.97
N ASP A 146 0.30 1.18 7.72
CA ASP A 146 1.75 1.14 7.94
C ASP A 146 2.06 1.08 9.44
N PHE A 147 2.24 -0.13 9.93
CA PHE A 147 2.35 -0.39 11.37
C PHE A 147 3.04 -1.72 11.57
N GLY A 148 3.84 -1.86 12.62
CA GLY A 148 4.66 -3.06 12.76
C GLY A 148 4.96 -3.60 14.14
N LEU A 149 3.94 -4.13 14.82
CA LEU A 149 4.18 -4.88 16.06
C LEU A 149 3.67 -6.32 15.96
N ASN A 157 -1.72 -14.46 11.85
CA ASN A 157 -0.90 -13.25 11.93
C ASN A 157 0.57 -13.59 11.65
N PHE A 158 1.35 -13.75 12.72
CA PHE A 158 2.80 -13.93 12.67
C PHE A 158 3.24 -15.40 12.82
N LEU A 159 2.28 -16.32 12.80
CA LEU A 159 2.56 -17.75 12.85
C LEU A 159 2.37 -18.34 11.46
N LYS A 160 1.98 -17.48 10.51
CA LYS A 160 1.73 -17.87 9.13
C LYS A 160 2.90 -17.51 8.21
N THR A 161 3.38 -16.26 8.32
CA THR A 161 4.54 -15.77 7.57
C THR A 161 5.16 -14.53 8.22
N SER A 162 6.48 -14.38 8.07
CA SER A 162 7.22 -13.29 8.69
C SER A 162 7.78 -12.28 7.66
N CYS A 163 7.42 -12.49 6.39
CA CYS A 163 8.03 -11.75 5.30
C CYS A 163 6.97 -11.34 4.28
N GLY A 164 7.36 -10.52 3.31
CA GLY A 164 6.46 -10.10 2.26
C GLY A 164 6.03 -11.26 1.38
N SER A 165 5.04 -11.03 0.52
CA SER A 165 4.68 -12.03 -0.47
C SER A 165 5.83 -12.19 -1.46
N PRO A 166 6.30 -13.43 -1.67
CA PRO A 166 7.39 -13.71 -2.62
C PRO A 166 7.09 -13.15 -4.01
N ASN A 167 5.79 -13.02 -4.33
CA ASN A 167 5.34 -12.58 -5.65
C ASN A 167 5.60 -11.12 -5.92
N TYR A 168 5.81 -10.35 -4.84
CA TYR A 168 6.06 -8.90 -4.88
C TYR A 168 7.54 -8.52 -4.62
N ALA A 169 8.37 -9.53 -4.34
CA ALA A 169 9.78 -9.34 -4.01
C ALA A 169 10.62 -9.07 -5.24
N ALA A 170 11.50 -8.07 -5.12
CA ALA A 170 12.39 -7.62 -6.19
C ALA A 170 13.57 -8.60 -6.41
N PRO A 171 14.09 -8.66 -7.66
CA PRO A 171 15.24 -9.55 -7.98
C PRO A 171 16.42 -9.38 -7.04
N GLU A 172 16.73 -8.15 -6.66
CA GLU A 172 17.88 -7.85 -5.81
C GLU A 172 17.70 -8.34 -4.37
N VAL A 173 16.46 -8.42 -3.91
CA VAL A 173 16.16 -9.01 -2.61
C VAL A 173 16.23 -10.56 -2.69
N ILE A 174 15.45 -11.12 -3.60
CA ILE A 174 15.41 -12.55 -3.88
C ILE A 174 16.79 -13.17 -4.03
N SER A 175 17.63 -12.56 -4.86
CA SER A 175 18.98 -13.06 -5.08
C SER A 175 19.88 -12.78 -3.87
N GLY A 176 19.53 -11.78 -3.06
CA GLY A 176 20.35 -11.38 -1.92
C GLY A 176 21.74 -10.99 -2.38
N LYS A 177 22.08 -11.51 -3.57
CA LYS A 177 23.37 -11.33 -4.26
C LYS A 177 23.69 -9.84 -4.48
N LEU A 178 22.64 -9.03 -4.52
CA LEU A 178 22.75 -7.58 -4.60
C LEU A 178 22.30 -7.00 -3.25
N TYR A 179 22.60 -5.73 -3.02
CA TYR A 179 22.04 -4.99 -1.90
C TYR A 179 20.78 -4.24 -2.39
N ALA A 180 20.01 -3.66 -1.46
CA ALA A 180 18.69 -3.09 -1.78
C ALA A 180 18.57 -1.63 -1.30
N GLY A 181 17.49 -0.95 -1.73
CA GLY A 181 17.23 0.47 -1.39
C GLY A 181 15.76 0.89 -1.50
N PRO A 182 15.49 2.16 -1.89
CA PRO A 182 14.12 2.64 -2.25
C PRO A 182 13.59 2.24 -3.64
N GLU A 183 14.45 1.61 -4.44
CA GLU A 183 14.04 1.10 -5.75
C GLU A 183 13.27 -0.22 -5.64
N VAL A 184 13.30 -0.85 -4.47
CA VAL A 184 12.51 -2.06 -4.27
C VAL A 184 11.01 -1.73 -4.29
N ASP A 185 10.64 -0.53 -3.80
CA ASP A 185 9.28 -0.02 -3.81
C ASP A 185 8.74 0.25 -5.19
N VAL A 186 9.63 0.57 -6.11
CA VAL A 186 9.25 0.75 -7.50
C VAL A 186 8.89 -0.62 -8.10
N TRP A 187 9.64 -1.66 -7.75
CA TRP A 187 9.32 -3.02 -8.20
C TRP A 187 7.96 -3.48 -7.64
N SER A 188 7.78 -3.36 -6.33
CA SER A 188 6.49 -3.63 -5.69
C SER A 188 5.32 -2.90 -6.36
N CYS A 189 5.47 -1.58 -6.54
CA CYS A 189 4.43 -0.76 -7.15
C CYS A 189 4.14 -1.16 -8.59
N GLY A 190 5.15 -1.73 -9.25
CA GLY A 190 5.05 -2.19 -10.63
C GLY A 190 4.22 -3.45 -10.73
N VAL A 191 4.39 -4.33 -9.74
CA VAL A 191 3.52 -5.51 -9.59
C VAL A 191 2.09 -5.12 -9.24
N ILE A 192 1.93 -4.22 -8.28
CA ILE A 192 0.60 -3.71 -7.96
C ILE A 192 -0.10 -3.11 -9.20
N LEU A 193 0.62 -2.27 -9.95
CA LEU A 193 0.05 -1.66 -11.16
C LEU A 193 -0.35 -2.73 -12.20
N TYR A 194 0.48 -3.76 -12.35
CA TYR A 194 0.17 -4.89 -13.24
C TYR A 194 -1.08 -5.61 -12.78
N VAL A 195 -1.17 -5.92 -11.48
CA VAL A 195 -2.33 -6.61 -10.91
C VAL A 195 -3.63 -5.81 -11.13
N MET A 196 -3.57 -4.50 -10.91
CA MET A 196 -4.75 -3.66 -11.04
C MET A 196 -5.24 -3.55 -12.48
N LEU A 197 -4.32 -3.57 -13.45
CA LEU A 197 -4.69 -3.46 -14.87
C LEU A 197 -5.07 -4.81 -15.48
N CYS A 198 -4.35 -5.86 -15.09
CA CYS A 198 -4.51 -7.17 -15.73
C CYS A 198 -5.32 -8.20 -14.93
N ARG A 199 -5.63 -7.88 -13.67
CA ARG A 199 -6.32 -8.79 -12.75
C ARG A 199 -5.60 -10.12 -12.58
N ARG A 200 -4.28 -10.11 -12.71
CA ARG A 200 -3.46 -11.29 -12.44
C ARG A 200 -2.03 -10.86 -12.13
N LEU A 201 -1.32 -11.71 -11.40
CA LEU A 201 0.08 -11.50 -11.06
C LEU A 201 0.99 -11.66 -12.28
N PRO A 202 2.00 -10.77 -12.44
CA PRO A 202 2.99 -10.87 -13.52
C PRO A 202 3.87 -12.10 -13.39
N PHE A 203 4.25 -12.42 -12.14
CA PHE A 203 5.03 -13.61 -11.82
C PHE A 203 4.14 -14.47 -10.93
N ASP A 204 3.84 -15.66 -11.47
CA ASP A 204 2.61 -16.41 -11.21
C ASP A 204 2.81 -17.78 -10.53
N ASP A 205 3.98 -18.36 -10.76
CA ASP A 205 4.27 -19.75 -10.48
C ASP A 205 3.93 -20.24 -9.07
N GLU A 206 3.53 -21.50 -9.01
CA GLU A 206 3.10 -22.18 -7.78
C GLU A 206 4.29 -22.68 -6.96
N SER A 207 5.36 -23.04 -7.64
CA SER A 207 6.59 -23.46 -6.99
C SER A 207 7.51 -22.24 -6.70
N ILE A 208 7.94 -22.08 -5.44
CA ILE A 208 8.85 -20.98 -5.02
C ILE A 208 10.15 -20.83 -5.85
N PRO A 209 10.94 -21.91 -6.02
CA PRO A 209 12.19 -21.75 -6.79
C PRO A 209 11.96 -21.37 -8.26
N VAL A 210 10.80 -21.75 -8.80
CA VAL A 210 10.41 -21.42 -10.19
C VAL A 210 9.99 -19.96 -10.26
N LEU A 211 9.26 -19.51 -9.25
CA LEU A 211 8.81 -18.13 -9.18
C LEU A 211 10.01 -17.18 -9.09
N PHE A 212 10.99 -17.55 -8.26
CA PHE A 212 12.20 -16.75 -8.04
C PHE A 212 13.11 -16.70 -9.27
N LYS A 213 13.09 -17.76 -10.07
CA LYS A 213 13.85 -17.78 -11.33
C LYS A 213 13.25 -16.82 -12.37
N ASN A 214 11.92 -16.75 -12.46
CA ASN A 214 11.25 -15.84 -13.38
C ASN A 214 11.38 -14.37 -12.97
N ILE A 215 11.33 -14.13 -11.66
CA ILE A 215 11.53 -12.80 -11.08
C ILE A 215 12.95 -12.29 -11.33
N SER A 216 13.95 -13.14 -11.10
CA SER A 216 15.36 -12.78 -11.26
C SER A 216 15.73 -12.48 -12.71
N ASN A 217 15.03 -13.14 -13.63
CA ASN A 217 15.28 -12.98 -15.07
C ASN A 217 14.33 -11.99 -15.77
N GLY A 218 13.35 -11.47 -15.05
CA GLY A 218 12.38 -10.51 -15.59
C GLY A 218 11.46 -11.09 -16.66
N VAL A 219 11.06 -12.36 -16.49
CA VAL A 219 10.19 -13.04 -17.44
C VAL A 219 8.71 -12.90 -17.07
N TYR A 220 7.97 -12.16 -17.91
CA TYR A 220 6.52 -11.94 -17.77
C TYR A 220 5.94 -11.40 -19.08
N THR A 221 4.63 -11.57 -19.25
CA THR A 221 3.93 -11.17 -20.45
C THR A 221 3.13 -9.89 -20.22
N LEU A 222 3.25 -8.95 -21.15
CA LEU A 222 2.44 -7.75 -21.14
C LEU A 222 1.26 -7.94 -22.07
N PRO A 223 0.02 -8.04 -21.53
CA PRO A 223 -1.15 -8.18 -22.38
C PRO A 223 -1.28 -7.06 -23.42
N LYS A 224 -1.83 -7.41 -24.58
CA LYS A 224 -1.91 -6.50 -25.74
C LYS A 224 -3.09 -5.54 -25.63
N PHE A 225 -4.01 -5.83 -24.70
CA PHE A 225 -5.12 -4.92 -24.39
C PHE A 225 -4.66 -3.66 -23.64
N LEU A 226 -3.43 -3.68 -23.13
CA LEU A 226 -2.86 -2.52 -22.44
C LEU A 226 -2.57 -1.40 -23.43
N SER A 227 -2.67 -0.16 -22.96
CA SER A 227 -2.27 1.00 -23.77
C SER A 227 -0.74 1.06 -23.85
N PRO A 228 -0.19 1.76 -24.87
CA PRO A 228 1.27 1.97 -24.88
C PRO A 228 1.79 2.65 -23.61
N GLY A 229 1.07 3.66 -23.13
CA GLY A 229 1.41 4.34 -21.87
C GLY A 229 1.52 3.43 -20.67
N ALA A 230 0.49 2.62 -20.42
CA ALA A 230 0.49 1.69 -19.28
C ALA A 230 1.56 0.60 -19.41
N ALA A 231 1.62 -0.03 -20.57
CA ALA A 231 2.64 -1.05 -20.86
C ALA A 231 4.07 -0.50 -20.74
N GLY A 232 4.30 0.70 -21.28
CA GLY A 232 5.59 1.37 -21.15
C GLY A 232 6.02 1.67 -19.72
N LEU A 233 5.09 2.18 -18.90
CA LEU A 233 5.44 2.49 -17.50
C LEU A 233 5.77 1.22 -16.71
N ILE A 234 4.90 0.20 -16.77
CA ILE A 234 5.17 -1.13 -16.18
C ILE A 234 6.56 -1.67 -16.54
N LYS A 235 6.84 -1.69 -17.84
CA LYS A 235 8.10 -2.17 -18.40
C LYS A 235 9.32 -1.48 -17.83
N ARG A 236 9.21 -0.20 -17.47
CA ARG A 236 10.31 0.54 -16.83
C ARG A 236 10.38 0.37 -15.32
N MET A 237 9.28 -0.10 -14.74
CA MET A 237 9.26 -0.39 -13.30
C MET A 237 9.79 -1.81 -13.04
N LEU A 238 9.55 -2.73 -13.97
CA LEU A 238 9.94 -4.13 -13.78
C LEU A 238 11.27 -4.45 -14.46
N ILE A 239 12.28 -3.65 -14.13
CA ILE A 239 13.64 -3.80 -14.63
C ILE A 239 14.47 -4.44 -13.52
N VAL A 240 15.13 -5.53 -13.91
CA VAL A 240 15.90 -6.41 -13.01
C VAL A 240 17.04 -5.68 -12.29
N ASN A 241 17.85 -4.93 -13.05
CA ASN A 241 18.91 -4.11 -12.48
C ASN A 241 18.26 -2.87 -11.85
N PRO A 242 18.30 -2.75 -10.50
CA PRO A 242 17.65 -1.64 -9.79
C PRO A 242 18.23 -0.26 -10.10
N LEU A 243 19.48 -0.22 -10.54
CA LEU A 243 20.14 1.05 -10.90
C LEU A 243 19.65 1.59 -12.25
N ASN A 244 19.00 0.72 -13.04
CA ASN A 244 18.32 1.09 -14.29
C ASN A 244 16.80 1.30 -14.17
N ARG A 245 16.26 0.96 -13.01
CA ARG A 245 14.82 1.04 -12.78
C ARG A 245 14.45 2.52 -12.67
N ILE A 246 13.29 2.87 -13.25
CA ILE A 246 12.72 4.20 -13.16
C ILE A 246 12.56 4.56 -11.67
N SER A 247 12.78 5.83 -11.31
CA SER A 247 12.63 6.24 -9.92
C SER A 247 11.18 6.67 -9.63
N ILE A 248 10.80 6.77 -8.36
CA ILE A 248 9.47 7.25 -7.99
C ILE A 248 9.18 8.65 -8.55
N HIS A 249 10.18 9.54 -8.49
CA HIS A 249 10.02 10.91 -8.94
C HIS A 249 9.77 11.00 -10.45
N GLU A 250 10.38 10.11 -11.23
CA GLU A 250 10.20 10.10 -12.69
C GLU A 250 8.86 9.49 -13.07
N ILE A 251 8.42 8.48 -12.30
CA ILE A 251 7.05 7.93 -12.43
C ILE A 251 6.03 9.05 -12.35
N MET A 252 6.24 9.98 -11.42
CA MET A 252 5.30 11.09 -11.21
C MET A 252 5.28 12.11 -12.35
N GLN A 253 6.26 12.08 -13.25
CA GLN A 253 6.26 12.95 -14.44
C GLN A 253 5.91 12.21 -15.71
N ASP A 254 5.59 10.93 -15.59
CA ASP A 254 5.31 10.12 -16.77
C ASP A 254 4.02 10.59 -17.43
N ASP A 255 4.01 10.60 -18.77
CA ASP A 255 2.88 11.10 -19.57
C ASP A 255 1.57 10.39 -19.23
N TRP A 256 1.64 9.06 -19.14
CA TRP A 256 0.49 8.25 -18.75
C TRP A 256 0.07 8.48 -17.28
N PHE A 257 1.03 8.47 -16.36
CA PHE A 257 0.78 8.73 -14.94
C PHE A 257 0.03 10.03 -14.70
N LYS A 258 0.51 11.10 -15.35
CA LYS A 258 0.07 12.48 -15.14
C LYS A 258 -1.35 12.81 -15.55
N VAL A 259 -1.98 11.94 -16.35
CA VAL A 259 -3.33 12.21 -16.83
C VAL A 259 -4.29 12.33 -15.65
N ASP A 260 -5.05 13.43 -15.63
CA ASP A 260 -6.05 13.73 -14.59
C ASP A 260 -5.51 13.64 -13.17
N LEU A 261 -4.23 13.93 -12.99
CA LEU A 261 -3.58 13.82 -11.70
C LEU A 261 -3.97 14.99 -10.81
N PRO A 262 -4.63 14.70 -9.68
CA PRO A 262 -4.87 15.78 -8.72
C PRO A 262 -3.57 16.34 -8.13
N GLU A 263 -3.52 17.66 -8.04
CA GLU A 263 -2.37 18.42 -7.58
C GLU A 263 -1.92 18.09 -6.15
N TYR A 264 -2.87 17.74 -5.26
CA TYR A 264 -2.55 17.45 -3.85
C TYR A 264 -1.65 16.21 -3.70
N LEU A 265 -1.56 15.40 -4.75
CA LEU A 265 -0.72 14.19 -4.72
C LEU A 265 0.77 14.44 -5.05
N LEU A 266 1.07 15.62 -5.61
CA LEU A 266 2.44 15.97 -6.01
C LEU A 266 3.36 16.29 -4.82
N PRO A 267 4.68 16.01 -4.96
CA PRO A 267 5.63 16.44 -3.93
C PRO A 267 5.85 17.95 -4.06
N PRO A 268 6.34 18.60 -2.99
CA PRO A 268 6.41 20.07 -2.98
C PRO A 268 7.16 20.66 -4.19
N ASP A 269 8.21 19.99 -4.66
CA ASP A 269 9.00 20.50 -5.78
C ASP A 269 8.26 20.48 -7.12
N LEU A 270 7.21 19.66 -7.22
CA LEU A 270 6.46 19.54 -8.47
C LEU A 270 5.14 20.33 -8.49
N LYS A 271 4.73 20.81 -7.31
CA LYS A 271 3.48 21.55 -7.17
C LYS A 271 3.50 22.86 -7.97
#